data_5OSJ
#
_entry.id   5OSJ
#
_cell.length_a   53.916
_cell.length_b   71.111
_cell.length_c   72.250
_cell.angle_alpha   90.00
_cell.angle_beta   90.00
_cell.angle_gamma   90.00
#
_symmetry.space_group_name_H-M   'P 21 21 21'
#
loop_
_entity.id
_entity.type
_entity.pdbx_description
1 polymer 'Cyclin-dependent kinase 2'
2 non-polymer '~{tert}-butyl 4-propanoyl-2,3-dihydroquinoxaline-1-carboxylate'
3 water water
#
_entity_poly.entity_id   1
_entity_poly.type   'polypeptide(L)'
_entity_poly.pdbx_seq_one_letter_code
;GPLGSMENFQKVEKIGEGTYGVVYKARNKLTGEVVALKKIRLDTETEGVPSTAIREISLLKELNHPNIVKLLDVIHTENK
LYLVFEFLHQDLKKFMDASALTGIPLPLIKSYLFQLLQGLAFCHSHRVLHRDLKPQNLLINTEGAIKLADFGLARAFGVP
VRTYTHEVVTLWYRAPEILLGCKYYSTAVDIWSLGCIFAEMVTRRALFPGDSEIDQLFRIFRTLGTPDEVVWPGVTSMPD
YKPSFPKWARQDFSKVVPPLDEDGRSLLSQMLHYDPNKRISAKAALAHPFFQDVTKPVPHLRL
;
_entity_poly.pdbx_strand_id   A
#
loop_
_chem_comp.id
_chem_comp.type
_chem_comp.name
_chem_comp.formula
AAK non-polymer '~{tert}-butyl 4-propanoyl-2,3-dihydroquinoxaline-1-carboxylate' 'C16 H22 N2 O3'
#
# COMPACT_ATOMS: atom_id res chain seq x y z
N GLU A 7 19.83 26.01 6.10
CA GLU A 7 18.49 25.76 5.49
C GLU A 7 17.37 26.03 6.52
N ASN A 8 16.17 26.12 6.00
CA ASN A 8 14.91 26.13 6.73
C ASN A 8 14.71 24.92 7.67
N PHE A 9 15.43 23.81 7.46
CA PHE A 9 15.19 22.57 8.21
C PHE A 9 16.51 22.03 8.72
N GLN A 10 16.55 21.67 10.01
CA GLN A 10 17.74 21.05 10.63
C GLN A 10 17.53 19.55 10.72
N LYS A 11 18.52 18.76 10.33
CA LYS A 11 18.42 17.29 10.45
C LYS A 11 18.36 16.92 11.93
N VAL A 12 17.46 16.00 12.27
CA VAL A 12 17.45 15.39 13.62
C VAL A 12 18.16 14.03 13.54
N GLU A 13 17.70 13.17 12.65
CA GLU A 13 18.34 11.90 12.31
C GLU A 13 17.76 11.27 11.06
N LYS A 14 18.51 10.30 10.56
CA LYS A 14 18.09 9.54 9.40
C LYS A 14 16.97 8.58 9.77
N ILE A 15 15.86 8.66 9.04
CA ILE A 15 14.72 7.79 9.28
C ILE A 15 14.95 6.49 8.52
N GLY A 16 15.42 6.60 7.29
CA GLY A 16 15.75 5.42 6.51
C GLY A 16 15.95 5.80 5.06
N GLU A 17 15.99 4.79 4.21
CA GLU A 17 16.08 5.01 2.77
C GLU A 17 14.67 4.86 2.23
N GLY A 18 14.27 5.80 1.36
CA GLY A 18 12.99 5.64 0.73
C GLY A 18 13.18 5.07 -0.66
N THR A 19 12.07 4.98 -1.39
CA THR A 19 12.11 4.55 -2.80
C THR A 19 12.95 5.50 -3.63
N TYR A 20 12.81 6.81 -3.35
CA TYR A 20 13.33 7.83 -4.23
C TYR A 20 14.51 8.63 -3.68
N GLY A 21 14.91 8.33 -2.45
CA GLY A 21 15.99 9.09 -1.84
C GLY A 21 16.00 8.89 -0.33
N VAL A 22 16.96 9.51 0.33
CA VAL A 22 17.08 9.39 1.79
C VAL A 22 15.95 10.18 2.46
N VAL A 23 15.54 9.69 3.63
CA VAL A 23 14.47 10.35 4.43
C VAL A 23 15.09 10.73 5.79
N TYR A 24 14.95 12.00 6.16
CA TYR A 24 15.44 12.46 7.46
C TYR A 24 14.25 12.95 8.31
N LYS A 25 14.34 12.70 9.61
CA LYS A 25 13.55 13.44 10.58
C LYS A 25 14.25 14.80 10.72
N ALA A 26 13.47 15.90 10.60
CA ALA A 26 14.06 17.22 10.56
C ALA A 26 13.15 18.17 11.32
N ARG A 27 13.72 19.29 11.77
CA ARG A 27 12.94 20.34 12.43
C ARG A 27 12.90 21.62 11.59
N ASN A 28 11.70 22.17 11.44
CA ASN A 28 11.55 23.46 10.78
C ASN A 28 12.00 24.59 11.70
N LYS A 29 13.02 25.31 11.28
CA LYS A 29 13.60 26.42 12.07
C LYS A 29 12.61 27.46 12.54
N LEU A 30 11.68 27.82 11.69
CA LEU A 30 10.80 28.89 12.02
C LEU A 30 9.56 28.48 12.80
N THR A 31 9.03 27.29 12.55
CA THR A 31 7.79 26.88 13.22
C THR A 31 8.11 25.95 14.38
N GLY A 32 9.31 25.39 14.39
CA GLY A 32 9.68 24.38 15.39
C GLY A 32 9.04 23.00 15.16
N GLU A 33 8.28 22.83 14.08
CA GLU A 33 7.65 21.53 13.84
C GLU A 33 8.67 20.46 13.40
N VAL A 34 8.41 19.20 13.74
CA VAL A 34 9.27 18.07 13.35
C VAL A 34 8.58 17.39 12.21
N VAL A 35 9.34 16.98 11.18
CA VAL A 35 8.76 16.54 9.90
C VAL A 35 9.60 15.37 9.37
N ALA A 36 9.05 14.66 8.41
CA ALA A 36 9.87 13.72 7.65
C ALA A 36 10.17 14.39 6.30
N LEU A 37 11.47 14.55 6.00
CA LEU A 37 11.89 15.33 4.82
C LEU A 37 12.41 14.35 3.80
N LYS A 38 11.72 14.22 2.69
CA LYS A 38 12.16 13.25 1.66
C LYS A 38 12.77 14.01 0.47
N LYS A 39 14.05 13.82 0.24
CA LYS A 39 14.71 14.36 -0.95
C LYS A 39 14.46 13.36 -2.09
N ILE A 40 14.02 13.89 -3.23
CA ILE A 40 13.64 13.06 -4.38
C ILE A 40 14.80 13.20 -5.32
N ARG A 41 15.45 12.07 -5.53
CA ARG A 41 16.58 11.95 -6.44
C ARG A 41 16.02 11.20 -7.69
N LEU A 42 16.07 11.84 -8.87
CA LEU A 42 15.59 11.23 -10.14
C LEU A 42 16.71 11.25 -11.18
N ASP A 43 16.62 10.38 -12.20
CA ASP A 43 17.61 10.34 -13.29
C ASP A 43 17.53 11.58 -14.20
N GLU A 47 18.43 18.39 -15.84
CA GLU A 47 17.35 18.54 -16.84
C GLU A 47 16.02 19.14 -16.29
N GLY A 48 15.92 19.31 -14.97
CA GLY A 48 14.69 19.81 -14.29
C GLY A 48 13.69 18.72 -13.87
N VAL A 49 12.74 19.05 -12.98
CA VAL A 49 11.69 18.08 -12.57
C VAL A 49 10.74 17.80 -13.75
N PRO A 50 10.39 16.51 -14.01
CA PRO A 50 9.42 16.20 -15.11
C PRO A 50 8.09 16.90 -14.94
N SER A 51 7.49 17.37 -16.04
CA SER A 51 6.21 18.11 -15.88
C SER A 51 5.09 17.17 -15.39
N THR A 52 5.24 15.86 -15.66
CA THR A 52 4.36 14.86 -15.01
C THR A 52 4.44 14.95 -13.48
N ALA A 53 5.67 14.94 -12.94
CA ALA A 53 5.91 15.07 -11.51
C ALA A 53 5.32 16.41 -10.98
N ILE A 54 5.48 17.48 -11.76
CA ILE A 54 4.87 18.77 -11.38
C ILE A 54 3.33 18.69 -11.18
N ARG A 55 2.65 18.08 -12.13
CA ARG A 55 1.19 18.07 -12.14
C ARG A 55 0.69 17.19 -11.02
N GLU A 56 1.39 16.07 -10.83
CA GLU A 56 0.96 15.12 -9.84
C GLU A 56 1.27 15.61 -8.46
N ILE A 57 2.45 16.18 -8.25
CA ILE A 57 2.77 16.59 -6.89
C ILE A 57 1.87 17.72 -6.52
N SER A 58 1.48 18.54 -7.50
CA SER A 58 0.64 19.70 -7.16
C SER A 58 -0.73 19.27 -6.70
N LEU A 59 -1.28 18.25 -7.34
CA LEU A 59 -2.57 17.67 -6.86
C LEU A 59 -2.42 17.12 -5.38
N LEU A 60 -1.26 16.58 -5.05
CA LEU A 60 -1.09 15.94 -3.74
C LEU A 60 -1.13 16.88 -2.56
N LYS A 61 -0.72 18.16 -2.73
CA LYS A 61 -0.78 19.17 -1.65
C LYS A 61 -2.21 19.42 -1.21
N GLU A 62 -3.15 19.14 -2.09
CA GLU A 62 -4.56 19.41 -1.76
C GLU A 62 -5.32 18.14 -1.37
N LEU A 63 -4.66 16.98 -1.45
CA LEU A 63 -5.34 15.68 -1.21
C LEU A 63 -5.18 15.33 0.27
N ASN A 64 -5.98 16.02 1.10
CA ASN A 64 -5.87 15.99 2.53
C ASN A 64 -6.97 15.16 3.19
N HIS A 65 -6.59 14.23 4.07
CA HIS A 65 -7.55 13.41 4.79
C HIS A 65 -6.89 12.89 6.06
N PRO A 66 -7.67 12.62 7.12
CA PRO A 66 -7.01 12.17 8.38
C PRO A 66 -6.29 10.82 8.27
N ASN A 67 -6.60 10.02 7.28
CA ASN A 67 -5.79 8.77 7.08
C ASN A 67 -4.78 8.82 5.96
N ILE A 68 -4.39 10.03 5.57
CA ILE A 68 -3.34 10.24 4.58
CA ILE A 68 -3.33 10.23 4.58
C ILE A 68 -2.25 11.05 5.26
N VAL A 69 -1.01 10.57 5.24
CA VAL A 69 0.07 11.35 5.84
C VAL A 69 0.12 12.75 5.19
N LYS A 70 0.08 13.83 6.00
CA LYS A 70 -0.11 15.11 5.39
C LYS A 70 1.19 15.57 4.71
N LEU A 71 1.06 15.95 3.45
CA LEU A 71 2.13 16.64 2.74
C LEU A 71 2.09 18.11 3.16
N LEU A 72 3.03 18.49 3.99
CA LEU A 72 3.02 19.86 4.58
C LEU A 72 3.46 20.93 3.60
N ASP A 73 4.44 20.60 2.81
CA ASP A 73 5.00 21.50 1.88
C ASP A 73 5.84 20.78 0.85
N VAL A 74 6.09 21.45 -0.25
CA VAL A 74 6.96 20.91 -1.30
C VAL A 74 7.90 22.05 -1.67
N ILE A 75 9.18 21.78 -1.55
CA ILE A 75 10.20 22.77 -1.90
C ILE A 75 10.83 22.29 -3.21
N HIS A 76 10.90 23.20 -4.17
CA HIS A 76 11.50 22.84 -5.44
C HIS A 76 12.67 23.81 -5.72
N THR A 77 13.87 23.30 -5.55
CA THR A 77 15.04 24.15 -5.63
C THR A 77 16.21 23.31 -6.12
N GLU A 78 17.12 23.96 -6.85
CA GLU A 78 18.27 23.26 -7.46
C GLU A 78 17.73 22.10 -8.36
N ASN A 79 16.62 22.44 -9.03
CA ASN A 79 15.85 21.50 -9.89
C ASN A 79 15.49 20.13 -9.23
N LYS A 80 15.32 20.13 -7.89
CA LYS A 80 15.02 18.89 -7.10
C LYS A 80 13.86 19.15 -6.20
N LEU A 81 13.10 18.09 -5.89
CA LEU A 81 12.00 18.24 -4.97
C LEU A 81 12.40 17.74 -3.59
N TYR A 82 11.93 18.47 -2.58
CA TYR A 82 12.03 18.01 -1.20
C TYR A 82 10.58 17.99 -0.75
N LEU A 83 10.12 16.81 -0.37
CA LEU A 83 8.75 16.71 0.08
C LEU A 83 8.80 16.72 1.60
N VAL A 84 7.99 17.58 2.23
CA VAL A 84 7.98 17.70 3.68
C VAL A 84 6.65 17.11 4.17
N PHE A 85 6.75 15.99 4.89
CA PHE A 85 5.57 15.25 5.37
C PHE A 85 5.47 15.41 6.88
N GLU A 86 4.24 15.30 7.39
CA GLU A 86 4.05 15.10 8.83
C GLU A 86 4.82 13.87 9.31
N PHE A 87 5.32 13.92 10.53
CA PHE A 87 6.09 12.82 11.09
C PHE A 87 5.24 11.86 11.94
N LEU A 88 5.32 10.55 11.67
CA LEU A 88 4.68 9.56 12.54
C LEU A 88 5.83 8.63 12.94
N HIS A 89 5.72 8.08 14.16
CA HIS A 89 6.86 7.45 14.85
C HIS A 89 7.13 6.00 14.48
N GLN A 90 6.20 5.31 13.82
CA GLN A 90 6.44 3.89 13.47
C GLN A 90 5.63 3.46 12.26
N ASP A 91 6.13 2.49 11.52
CA ASP A 91 5.34 1.89 10.39
C ASP A 91 4.74 0.56 10.77
N LEU A 92 3.79 0.10 9.95
CA LEU A 92 3.12 -1.16 10.23
C LEU A 92 4.07 -2.36 10.14
N LYS A 93 5.08 -2.26 9.27
CA LYS A 93 6.02 -3.37 9.14
C LYS A 93 6.71 -3.60 10.50
N LYS A 94 7.26 -2.52 11.08
CA LYS A 94 7.91 -2.67 12.38
C LYS A 94 6.95 -3.12 13.49
N PHE A 95 5.71 -2.64 13.48
CA PHE A 95 4.72 -2.96 14.48
C PHE A 95 4.30 -4.44 14.40
N MET A 96 4.19 -5.00 13.20
CA MET A 96 3.89 -6.39 13.00
C MET A 96 5.04 -7.27 13.48
N ASP A 97 6.27 -6.90 13.13
CA ASP A 97 7.47 -7.61 13.67
C ASP A 97 7.52 -7.57 15.16
N ALA A 98 7.22 -6.42 15.75
CA ALA A 98 7.14 -6.30 17.21
C ALA A 98 6.04 -7.15 17.88
N SER A 99 4.97 -7.45 17.13
CA SER A 99 3.84 -8.17 17.63
C SER A 99 3.87 -9.65 17.24
N ALA A 100 5.01 -10.17 16.77
CA ALA A 100 5.01 -11.49 16.13
C ALA A 100 4.66 -12.67 17.09
N LEU A 101 5.03 -12.53 18.35
CA LEU A 101 4.79 -13.56 19.38
C LEU A 101 3.32 -13.70 19.65
N THR A 102 2.62 -12.58 19.66
CA THR A 102 1.22 -12.56 20.08
C THR A 102 0.25 -12.23 18.93
N GLY A 103 0.74 -11.52 17.92
CA GLY A 103 -0.07 -10.98 16.81
C GLY A 103 -0.74 -9.66 17.21
N ILE A 104 -1.07 -8.85 16.22
CA ILE A 104 -1.94 -7.67 16.44
C ILE A 104 -3.35 -8.17 16.82
N PRO A 105 -3.95 -7.63 17.89
CA PRO A 105 -5.27 -8.03 18.29
C PRO A 105 -6.29 -7.77 17.20
N LEU A 106 -7.24 -8.68 17.00
CA LEU A 106 -8.17 -8.53 15.90
C LEU A 106 -8.97 -7.22 15.92
N PRO A 107 -9.39 -6.72 17.11
CA PRO A 107 -10.13 -5.44 17.04
C PRO A 107 -9.25 -4.31 16.50
N LEU A 108 -7.94 -4.38 16.72
CA LEU A 108 -7.09 -3.35 16.19
C LEU A 108 -6.86 -3.55 14.68
N ILE A 109 -6.75 -4.80 14.24
CA ILE A 109 -6.66 -5.11 12.80
C ILE A 109 -7.87 -4.55 12.12
N LYS A 110 -9.03 -4.73 12.71
CA LYS A 110 -10.26 -4.28 12.10
C LYS A 110 -10.30 -2.74 12.02
N SER A 111 -9.90 -2.06 13.10
CA SER A 111 -9.80 -0.62 13.08
C SER A 111 -8.81 -0.09 12.01
N TYR A 112 -7.62 -0.69 11.94
CA TYR A 112 -6.71 -0.28 10.96
C TYR A 112 -7.24 -0.46 9.52
N LEU A 113 -7.85 -1.61 9.23
CA LEU A 113 -8.40 -1.86 7.91
C LEU A 113 -9.48 -0.84 7.55
N PHE A 114 -10.32 -0.54 8.54
CA PHE A 114 -11.43 0.39 8.38
C PHE A 114 -10.91 1.80 8.06
N GLN A 115 -9.91 2.23 8.81
CA GLN A 115 -9.28 3.56 8.54
C GLN A 115 -8.56 3.58 7.18
N LEU A 116 -7.81 2.51 6.86
CA LEU A 116 -7.16 2.51 5.55
C LEU A 116 -8.12 2.56 4.35
N LEU A 117 -9.25 1.86 4.47
CA LEU A 117 -10.30 1.93 3.46
C LEU A 117 -10.94 3.31 3.37
N GLN A 118 -11.02 4.02 4.50
CA GLN A 118 -11.48 5.40 4.42
C GLN A 118 -10.52 6.31 3.64
N GLY A 119 -9.23 6.17 3.88
CA GLY A 119 -8.16 6.90 3.13
C GLY A 119 -8.25 6.54 1.65
N LEU A 120 -8.35 5.24 1.33
CA LEU A 120 -8.48 4.82 -0.06
C LEU A 120 -9.77 5.39 -0.70
N ALA A 121 -10.91 5.29 -0.03
CA ALA A 121 -12.15 5.79 -0.57
C ALA A 121 -12.02 7.28 -0.93
N PHE A 122 -11.36 8.02 -0.05
CA PHE A 122 -11.13 9.44 -0.31
C PHE A 122 -10.25 9.68 -1.57
N CYS A 123 -9.08 9.07 -1.62
CA CYS A 123 -8.18 9.32 -2.75
C CYS A 123 -8.78 8.82 -4.06
N HIS A 124 -9.39 7.63 -4.02
CA HIS A 124 -10.04 7.05 -5.20
C HIS A 124 -11.19 7.93 -5.72
N SER A 125 -11.89 8.58 -4.81
CA SER A 125 -12.95 9.51 -5.29
C SER A 125 -12.38 10.73 -5.96
N HIS A 126 -11.12 11.06 -5.73
CA HIS A 126 -10.42 12.08 -6.49
C HIS A 126 -9.58 11.54 -7.64
N ARG A 127 -9.76 10.27 -7.97
CA ARG A 127 -9.07 9.62 -9.04
C ARG A 127 -7.56 9.59 -8.84
N VAL A 128 -7.08 9.49 -7.59
CA VAL A 128 -5.66 9.35 -7.35
C VAL A 128 -5.47 7.94 -6.81
N LEU A 129 -4.46 7.22 -7.29
CA LEU A 129 -4.25 5.93 -6.60
C LEU A 129 -2.88 5.87 -5.94
N HIS A 130 -2.67 4.88 -5.10
CA HIS A 130 -1.36 4.76 -4.48
C HIS A 130 -0.42 4.01 -5.41
N ARG A 131 -0.81 2.78 -5.77
CA ARG A 131 -0.09 1.84 -6.63
C ARG A 131 1.09 1.12 -5.96
N ASP A 132 1.56 1.58 -4.81
CA ASP A 132 2.63 0.84 -4.13
C ASP A 132 2.38 0.72 -2.64
N LEU A 133 1.14 0.32 -2.31
CA LEU A 133 0.82 0.09 -0.91
C LEU A 133 1.61 -1.09 -0.36
N LYS A 134 2.19 -0.92 0.83
CA LYS A 134 2.88 -1.97 1.56
C LYS A 134 3.03 -1.59 3.01
N PRO A 135 3.27 -2.56 3.88
CA PRO A 135 3.33 -2.24 5.34
C PRO A 135 4.33 -1.11 5.66
N GLN A 136 5.47 -1.04 4.91
CA GLN A 136 6.47 0.05 5.09
C GLN A 136 5.89 1.44 4.90
N ASN A 137 4.81 1.59 4.14
CA ASN A 137 4.23 2.96 3.97
C ASN A 137 2.87 3.12 4.64
N LEU A 138 2.59 2.27 5.60
CA LEU A 138 1.45 2.47 6.49
C LEU A 138 2.00 2.90 7.90
N LEU A 139 1.72 4.12 8.28
CA LEU A 139 2.32 4.68 9.51
C LEU A 139 1.30 4.83 10.63
N ILE A 140 1.72 4.59 11.90
CA ILE A 140 0.74 4.55 12.96
C ILE A 140 1.24 5.55 14.07
N ASN A 141 0.29 6.06 14.84
CA ASN A 141 0.62 6.88 16.00
C ASN A 141 0.22 6.12 17.29
N THR A 142 0.46 6.72 18.45
CA THR A 142 0.27 5.95 19.71
C THR A 142 -1.18 5.99 20.15
N GLU A 143 -1.99 6.84 19.49
CA GLU A 143 -3.42 6.97 19.75
C GLU A 143 -4.38 5.98 19.06
N GLY A 144 -3.95 5.29 18.02
CA GLY A 144 -4.87 4.39 17.35
C GLY A 144 -5.11 4.65 15.89
N ALA A 145 -4.50 5.71 15.36
CA ALA A 145 -4.66 6.06 13.92
C ALA A 145 -3.59 5.36 13.06
N ILE A 146 -3.94 5.14 11.81
CA ILE A 146 -3.01 4.63 10.80
C ILE A 146 -3.25 5.46 9.56
N LYS A 147 -2.16 5.74 8.84
CA LYS A 147 -2.18 6.65 7.71
C LYS A 147 -1.38 6.13 6.56
N LEU A 148 -1.88 6.40 5.36
CA LEU A 148 -1.15 5.98 4.10
C LEU A 148 -0.05 7.00 3.75
N ALA A 149 1.20 6.53 3.66
CA ALA A 149 2.32 7.38 3.26
C ALA A 149 2.63 7.24 1.75
N ASP A 150 3.21 8.27 1.16
CA ASP A 150 3.66 8.24 -0.28
C ASP A 150 2.54 8.03 -1.29
N PHE A 151 1.34 8.50 -0.95
CA PHE A 151 0.24 8.37 -1.86
C PHE A 151 0.50 9.21 -3.08
N GLY A 152 0.32 8.64 -4.27
CA GLY A 152 0.49 9.42 -5.46
C GLY A 152 1.86 9.56 -6.03
N LEU A 153 2.90 9.13 -5.28
CA LEU A 153 4.25 9.30 -5.74
C LEU A 153 4.57 8.41 -6.92
N ALA A 154 3.87 7.27 -7.05
CA ALA A 154 4.17 6.32 -8.13
C ALA A 154 3.71 6.91 -9.47
N ARG A 155 2.58 7.62 -9.51
CA ARG A 155 2.22 8.22 -10.76
C ARG A 155 3.15 9.40 -11.03
N ALA A 156 3.61 10.08 -9.99
CA ALA A 156 4.44 11.25 -10.22
C ALA A 156 5.82 10.91 -10.78
N PHE A 157 6.41 9.82 -10.27
CA PHE A 157 7.84 9.50 -10.47
C PHE A 157 8.07 8.13 -11.08
N GLY A 158 7.03 7.32 -11.24
CA GLY A 158 7.19 5.88 -11.63
C GLY A 158 7.54 4.98 -10.43
N VAL A 159 7.40 3.66 -10.59
CA VAL A 159 7.83 2.70 -9.54
C VAL A 159 9.09 1.98 -10.05
N PRO A 160 10.25 2.21 -9.44
CA PRO A 160 11.49 1.57 -9.98
C PRO A 160 11.58 0.11 -9.55
N VAL A 161 12.42 -0.67 -10.24
CA VAL A 161 12.68 -2.03 -9.85
C VAL A 161 13.55 -2.06 -8.59
N ARG A 162 14.55 -1.17 -8.54
CA ARG A 162 15.42 -0.99 -7.35
C ARG A 162 15.33 0.46 -6.93
N THR A 163 15.49 0.67 -5.64
CA THR A 163 15.55 2.06 -5.09
C THR A 163 16.89 2.69 -5.46
N TYR A 164 17.05 3.98 -5.11
CA TYR A 164 18.29 4.71 -5.45
C TYR A 164 19.52 4.10 -4.76
N THR A 165 19.32 3.36 -3.66
CA THR A 165 20.41 2.63 -3.00
C THR A 165 20.36 1.15 -3.37
N HIS A 166 19.67 0.85 -4.47
CA HIS A 166 19.70 -0.52 -5.07
C HIS A 166 18.89 -1.57 -4.29
N GLU A 167 18.15 -1.20 -3.25
CA GLU A 167 17.25 -2.14 -2.57
C GLU A 167 16.16 -2.58 -3.55
N VAL A 168 15.74 -3.83 -3.46
CA VAL A 168 14.69 -4.36 -4.36
C VAL A 168 13.33 -3.85 -3.89
N VAL A 169 12.58 -3.26 -4.78
CA VAL A 169 11.21 -2.83 -4.44
C VAL A 169 10.31 -4.12 -4.33
N THR A 170 9.60 -4.28 -3.24
CA THR A 170 8.89 -5.55 -3.01
C THR A 170 7.77 -5.78 -4.03
N LEU A 171 7.58 -7.04 -4.43
CA LEU A 171 6.43 -7.37 -5.33
C LEU A 171 5.25 -7.98 -4.57
N TRP A 172 5.38 -8.14 -3.23
CA TRP A 172 4.47 -9.04 -2.47
C TRP A 172 3.05 -8.54 -2.47
N TYR A 173 2.86 -7.25 -2.71
CA TYR A 173 1.53 -6.65 -2.61
C TYR A 173 1.01 -6.21 -3.98
N ARG A 174 1.71 -6.61 -5.04
CA ARG A 174 1.35 -6.13 -6.38
C ARG A 174 0.19 -6.93 -7.00
N ALA A 175 -0.80 -6.21 -7.55
CA ALA A 175 -1.94 -6.83 -8.14
C ALA A 175 -1.60 -7.64 -9.45
N PRO A 176 -2.33 -8.71 -9.75
CA PRO A 176 -2.07 -9.60 -10.87
C PRO A 176 -2.17 -8.87 -12.22
N GLU A 177 -3.01 -7.84 -12.34
CA GLU A 177 -3.06 -7.17 -13.62
C GLU A 177 -1.74 -6.39 -13.90
N ILE A 178 -1.04 -5.91 -12.84
CA ILE A 178 0.24 -5.20 -13.04
C ILE A 178 1.28 -6.26 -13.37
N LEU A 179 1.24 -7.39 -12.66
CA LEU A 179 2.23 -8.48 -12.90
C LEU A 179 2.08 -9.06 -14.33
N LEU A 180 0.87 -9.04 -14.87
CA LEU A 180 0.58 -9.57 -16.22
C LEU A 180 0.77 -8.53 -17.31
N GLY A 181 1.31 -7.37 -16.94
CA GLY A 181 1.80 -6.38 -17.86
C GLY A 181 0.77 -5.37 -18.34
N CYS A 182 -0.38 -5.27 -17.69
CA CYS A 182 -1.35 -4.27 -18.14
C CYS A 182 -0.84 -2.87 -17.61
N LYS A 183 -0.88 -1.88 -18.46
CA LYS A 183 -0.34 -0.58 -18.09
C LYS A 183 -1.45 0.40 -17.71
N TYR A 184 -2.69 -0.07 -17.68
CA TYR A 184 -3.77 0.71 -17.08
C TYR A 184 -3.98 0.31 -15.62
N TYR A 185 -3.71 1.20 -14.69
CA TYR A 185 -3.93 0.89 -13.27
C TYR A 185 -5.25 1.49 -12.83
N SER A 186 -6.18 0.67 -12.39
CA SER A 186 -7.45 1.20 -11.88
C SER A 186 -7.31 1.25 -10.36
N THR A 187 -8.26 1.91 -9.71
CA THR A 187 -8.24 1.94 -8.25
C THR A 187 -8.24 0.52 -7.57
N ALA A 188 -8.63 -0.49 -8.29
CA ALA A 188 -8.56 -1.87 -7.82
C ALA A 188 -7.19 -2.34 -7.41
N VAL A 189 -6.16 -1.71 -7.93
CA VAL A 189 -4.76 -2.22 -7.59
C VAL A 189 -4.51 -1.98 -6.10
N ASP A 190 -5.06 -0.91 -5.55
CA ASP A 190 -4.81 -0.62 -4.10
C ASP A 190 -5.65 -1.53 -3.18
N ILE A 191 -6.84 -1.94 -3.65
CA ILE A 191 -7.68 -2.85 -2.85
C ILE A 191 -6.94 -4.20 -2.75
N TRP A 192 -6.35 -4.66 -3.85
CA TRP A 192 -5.58 -5.90 -3.86
C TRP A 192 -4.48 -5.81 -2.79
N SER A 193 -3.68 -4.76 -2.86
CA SER A 193 -2.54 -4.65 -1.90
C SER A 193 -3.04 -4.65 -0.49
N LEU A 194 -4.14 -3.89 -0.24
CA LEU A 194 -4.67 -3.85 1.15
C LEU A 194 -5.22 -5.21 1.64
N GLY A 195 -5.82 -5.99 0.74
CA GLY A 195 -6.23 -7.35 1.03
C GLY A 195 -5.00 -8.20 1.44
N CYS A 196 -3.90 -8.05 0.72
CA CYS A 196 -2.70 -8.85 1.08
C CYS A 196 -2.21 -8.46 2.47
N ILE A 197 -2.26 -7.16 2.75
CA ILE A 197 -1.80 -6.66 4.08
C ILE A 197 -2.71 -7.12 5.22
N PHE A 198 -4.01 -7.10 4.95
CA PHE A 198 -5.06 -7.63 5.87
C PHE A 198 -4.74 -9.10 6.23
N ALA A 199 -4.45 -9.91 5.24
CA ALA A 199 -4.20 -11.34 5.48
C ALA A 199 -2.91 -11.46 6.30
N GLU A 200 -1.94 -10.63 6.00
CA GLU A 200 -0.64 -10.70 6.73
C GLU A 200 -0.80 -10.30 8.20
N MET A 201 -1.67 -9.31 8.52
CA MET A 201 -1.90 -8.90 9.91
C MET A 201 -2.54 -10.08 10.68
N VAL A 202 -3.45 -10.76 10.01
CA VAL A 202 -4.24 -11.80 10.69
C VAL A 202 -3.37 -13.03 10.95
N THR A 203 -2.59 -13.43 9.97
CA THR A 203 -1.86 -14.72 10.06
C THR A 203 -0.43 -14.58 10.54
N ARG A 204 0.05 -13.37 10.55
CA ARG A 204 1.44 -13.03 10.92
C ARG A 204 2.49 -13.54 9.94
N ARG A 205 2.11 -13.80 8.68
CA ARG A 205 3.07 -14.07 7.67
CA ARG A 205 2.98 -14.27 7.62
C ARG A 205 2.53 -13.54 6.35
N ALA A 206 3.46 -13.10 5.53
CA ALA A 206 3.08 -12.48 4.25
C ALA A 206 2.28 -13.50 3.45
N LEU A 207 1.27 -13.06 2.74
CA LEU A 207 0.45 -13.93 1.96
C LEU A 207 1.16 -14.48 0.72
N PHE A 208 1.79 -13.58 -0.07
CA PHE A 208 2.43 -13.97 -1.34
C PHE A 208 3.87 -13.40 -1.41
N PRO A 209 4.82 -14.00 -0.69
CA PRO A 209 6.14 -13.31 -0.67
C PRO A 209 7.00 -13.70 -1.87
N GLY A 210 6.57 -13.32 -3.08
CA GLY A 210 7.37 -13.59 -4.31
C GLY A 210 8.72 -12.85 -4.38
N ASP A 211 9.69 -13.51 -5.00
CA ASP A 211 10.99 -12.87 -5.17
C ASP A 211 11.38 -12.59 -6.61
N SER A 212 10.43 -12.71 -7.51
CA SER A 212 10.58 -12.34 -8.92
C SER A 212 9.14 -12.19 -9.46
N GLU A 213 8.98 -11.60 -10.64
CA GLU A 213 7.61 -11.45 -11.14
C GLU A 213 6.92 -12.78 -11.34
N ILE A 214 7.66 -13.78 -11.87
CA ILE A 214 6.99 -15.08 -12.11
C ILE A 214 6.76 -15.85 -10.80
N ASP A 215 7.65 -15.68 -9.84
CA ASP A 215 7.46 -16.35 -8.56
C ASP A 215 6.24 -15.68 -7.87
N GLN A 216 6.13 -14.36 -8.00
CA GLN A 216 4.93 -13.66 -7.41
C GLN A 216 3.64 -14.16 -8.05
N LEU A 217 3.60 -14.25 -9.37
CA LEU A 217 2.39 -14.74 -10.03
C LEU A 217 2.06 -16.15 -9.67
N PHE A 218 3.09 -17.04 -9.66
CA PHE A 218 2.82 -18.39 -9.32
C PHE A 218 2.42 -18.62 -7.87
N ARG A 219 2.88 -17.76 -6.95
CA ARG A 219 2.37 -17.85 -5.59
C ARG A 219 0.91 -17.46 -5.52
N ILE A 220 0.55 -16.44 -6.25
CA ILE A 220 -0.88 -16.07 -6.34
C ILE A 220 -1.68 -17.22 -6.93
N PHE A 221 -1.17 -17.79 -8.00
CA PHE A 221 -1.96 -18.87 -8.67
C PHE A 221 -2.15 -20.09 -7.78
N ARG A 222 -1.11 -20.46 -7.06
CA ARG A 222 -1.18 -21.61 -6.16
C ARG A 222 -2.19 -21.51 -5.04
N THR A 223 -2.55 -20.29 -4.70
CA THR A 223 -3.54 -20.07 -3.65
C THR A 223 -4.89 -19.83 -4.27
N LEU A 224 -4.95 -18.91 -5.22
CA LEU A 224 -6.28 -18.55 -5.76
C LEU A 224 -6.75 -19.31 -7.01
N GLY A 225 -5.93 -20.20 -7.51
CA GLY A 225 -6.17 -20.94 -8.76
C GLY A 225 -5.54 -20.15 -9.91
N THR A 226 -5.03 -20.85 -10.91
CA THR A 226 -4.59 -20.18 -12.13
C THR A 226 -5.80 -19.52 -12.80
N PRO A 227 -5.74 -18.20 -13.10
CA PRO A 227 -6.93 -17.51 -13.59
C PRO A 227 -7.25 -17.94 -15.05
N ASP A 228 -8.53 -17.94 -15.39
CA ASP A 228 -8.95 -18.23 -16.73
C ASP A 228 -10.02 -17.27 -17.11
N GLU A 229 -10.57 -17.45 -18.30
CA GLU A 229 -11.57 -16.55 -18.82
C GLU A 229 -12.88 -16.60 -18.10
N VAL A 230 -13.16 -17.68 -17.39
CA VAL A 230 -14.39 -17.75 -16.62
C VAL A 230 -14.33 -16.74 -15.43
N VAL A 231 -13.27 -16.80 -14.65
CA VAL A 231 -13.14 -15.92 -13.47
C VAL A 231 -12.68 -14.54 -13.83
N TRP A 232 -11.94 -14.40 -14.94
CA TRP A 232 -11.36 -13.10 -15.30
C TRP A 232 -11.43 -12.96 -16.81
N PRO A 233 -12.56 -12.48 -17.31
CA PRO A 233 -12.69 -12.25 -18.77
C PRO A 233 -11.66 -11.24 -19.25
N GLY A 234 -10.94 -11.64 -20.29
CA GLY A 234 -9.88 -10.84 -20.83
C GLY A 234 -8.48 -11.27 -20.35
N VAL A 235 -8.39 -12.14 -19.36
CA VAL A 235 -7.05 -12.42 -18.78
C VAL A 235 -6.10 -12.93 -19.87
N THR A 236 -6.61 -13.74 -20.80
CA THR A 236 -5.69 -14.36 -21.79
C THR A 236 -5.22 -13.32 -22.83
N SER A 237 -5.79 -12.12 -22.83
CA SER A 237 -5.31 -11.00 -23.61
C SER A 237 -4.32 -10.10 -22.91
N MET A 238 -3.92 -10.41 -21.67
CA MET A 238 -2.98 -9.53 -20.89
C MET A 238 -1.62 -9.67 -21.63
N PRO A 239 -0.80 -8.57 -21.68
CA PRO A 239 0.45 -8.59 -22.48
C PRO A 239 1.39 -9.76 -22.10
N ASP A 240 1.47 -10.07 -20.82
CA ASP A 240 2.39 -11.10 -20.34
C ASP A 240 1.74 -12.41 -19.97
N TYR A 241 0.45 -12.56 -20.26
CA TYR A 241 -0.20 -13.85 -20.06
C TYR A 241 0.45 -14.89 -20.98
N LYS A 242 0.68 -16.10 -20.45
CA LYS A 242 1.20 -17.24 -21.27
C LYS A 242 0.25 -18.41 -21.14
N PRO A 243 -0.25 -18.92 -22.28
CA PRO A 243 -1.10 -20.14 -22.25
C PRO A 243 -0.37 -21.31 -21.55
N SER A 244 0.95 -21.29 -21.51
CA SER A 244 1.70 -22.42 -20.84
C SER A 244 1.83 -22.30 -19.28
N PHE A 245 1.20 -21.28 -18.66
CA PHE A 245 1.21 -21.20 -17.19
C PHE A 245 0.61 -22.50 -16.64
N PRO A 246 1.25 -23.07 -15.62
CA PRO A 246 0.69 -24.28 -15.01
C PRO A 246 -0.69 -23.97 -14.41
N LYS A 247 -1.59 -24.97 -14.48
CA LYS A 247 -2.94 -24.85 -13.98
C LYS A 247 -3.00 -25.41 -12.54
N TRP A 248 -3.17 -24.53 -11.55
CA TRP A 248 -3.35 -24.92 -10.18
C TRP A 248 -4.78 -24.66 -9.76
N ALA A 249 -5.30 -25.51 -8.85
CA ALA A 249 -6.63 -25.33 -8.38
C ALA A 249 -6.64 -24.36 -7.22
N ARG A 250 -7.80 -23.74 -7.00
CA ARG A 250 -7.97 -22.79 -5.95
C ARG A 250 -8.06 -23.45 -4.57
N GLN A 251 -7.40 -22.84 -3.58
CA GLN A 251 -7.53 -23.26 -2.17
CA GLN A 251 -7.49 -23.23 -2.15
C GLN A 251 -8.70 -22.53 -1.51
N ASP A 252 -9.32 -23.11 -0.45
CA ASP A 252 -10.37 -22.31 0.28
C ASP A 252 -9.71 -21.38 1.20
N PHE A 253 -10.29 -20.18 1.31
CA PHE A 253 -9.78 -19.17 2.25
C PHE A 253 -9.83 -19.62 3.66
N SER A 254 -10.67 -20.63 3.97
CA SER A 254 -10.69 -21.10 5.34
C SER A 254 -9.30 -21.61 5.73
N LYS A 255 -8.58 -22.17 4.77
CA LYS A 255 -7.20 -22.66 5.06
C LYS A 255 -6.12 -21.52 5.05
N VAL A 256 -6.47 -20.41 4.43
CA VAL A 256 -5.49 -19.33 4.11
C VAL A 256 -5.36 -18.31 5.22
N VAL A 257 -6.50 -17.94 5.83
CA VAL A 257 -6.48 -16.93 6.92
C VAL A 257 -7.18 -17.31 8.24
N PRO A 258 -6.99 -18.56 8.73
CA PRO A 258 -7.52 -18.79 10.07
C PRO A 258 -6.78 -17.85 11.09
N PRO A 259 -7.43 -17.35 12.14
CA PRO A 259 -8.76 -17.67 12.62
C PRO A 259 -9.78 -16.59 12.27
N LEU A 260 -9.63 -15.94 11.11
CA LEU A 260 -10.53 -14.86 10.67
C LEU A 260 -11.95 -15.40 10.54
N ASP A 261 -12.94 -14.61 10.99
CA ASP A 261 -14.32 -15.08 10.91
C ASP A 261 -14.90 -15.03 9.50
N GLU A 262 -16.10 -15.57 9.35
CA GLU A 262 -16.71 -15.65 8.05
C GLU A 262 -16.93 -14.30 7.31
N ASP A 263 -17.28 -13.26 8.04
CA ASP A 263 -17.41 -11.89 7.44
C ASP A 263 -16.06 -11.38 6.91
N GLY A 264 -15.00 -11.55 7.73
CA GLY A 264 -13.68 -11.19 7.33
C GLY A 264 -13.20 -11.99 6.11
N ARG A 265 -13.41 -13.29 6.12
CA ARG A 265 -13.08 -14.11 4.95
C ARG A 265 -13.86 -13.74 3.69
N SER A 266 -15.13 -13.38 3.85
CA SER A 266 -15.93 -12.94 2.72
C SER A 266 -15.36 -11.61 2.17
N LEU A 267 -15.05 -10.65 3.04
CA LEU A 267 -14.46 -9.38 2.62
C LEU A 267 -13.11 -9.61 1.93
N LEU A 268 -12.27 -10.43 2.54
CA LEU A 268 -10.97 -10.68 1.93
C LEU A 268 -11.07 -11.26 0.53
N SER A 269 -11.93 -12.27 0.37
CA SER A 269 -12.12 -12.88 -0.94
C SER A 269 -12.55 -11.84 -2.00
N GLN A 270 -13.38 -10.87 -1.61
CA GLN A 270 -13.78 -9.84 -2.53
C GLN A 270 -12.65 -8.83 -2.89
N MET A 271 -11.74 -8.57 -1.93
CA MET A 271 -10.64 -7.70 -2.18
C MET A 271 -9.58 -8.42 -3.02
N LEU A 272 -9.65 -9.75 -3.01
CA LEU A 272 -8.68 -10.53 -3.82
C LEU A 272 -9.31 -11.16 -5.09
N HIS A 273 -10.48 -10.69 -5.55
CA HIS A 273 -10.94 -11.11 -6.89
C HIS A 273 -9.91 -10.79 -7.98
N TYR A 274 -9.75 -11.75 -8.90
CA TYR A 274 -8.75 -11.57 -9.98
C TYR A 274 -9.13 -10.40 -10.87
N ASP A 275 -10.42 -10.33 -11.23
CA ASP A 275 -10.84 -9.35 -12.23
C ASP A 275 -10.95 -8.00 -11.52
N PRO A 276 -10.17 -6.97 -11.96
CA PRO A 276 -10.28 -5.68 -11.26
C PRO A 276 -11.73 -5.14 -11.37
N ASN A 277 -12.44 -5.49 -12.44
CA ASN A 277 -13.87 -5.12 -12.54
C ASN A 277 -14.76 -5.79 -11.50
N LYS A 278 -14.34 -6.90 -10.92
CA LYS A 278 -15.13 -7.60 -9.91
C LYS A 278 -14.68 -7.22 -8.49
N ARG A 279 -13.45 -6.74 -8.33
CA ARG A 279 -12.86 -6.55 -7.01
C ARG A 279 -13.68 -5.46 -6.27
N ILE A 280 -13.97 -5.69 -5.00
CA ILE A 280 -14.78 -4.72 -4.18
C ILE A 280 -14.13 -3.33 -4.17
N SER A 281 -14.92 -2.25 -4.23
CA SER A 281 -14.33 -0.92 -4.12
C SER A 281 -14.17 -0.53 -2.61
N ALA A 282 -13.39 0.51 -2.33
CA ALA A 282 -13.11 0.91 -0.94
C ALA A 282 -14.45 1.32 -0.34
N LYS A 283 -15.28 2.05 -1.10
CA LYS A 283 -16.57 2.50 -0.53
C LYS A 283 -17.46 1.31 -0.17
N ALA A 284 -17.58 0.34 -1.08
CA ALA A 284 -18.39 -0.87 -0.77
C ALA A 284 -17.83 -1.64 0.40
N ALA A 285 -16.48 -1.71 0.49
CA ALA A 285 -15.86 -2.48 1.54
C ALA A 285 -16.20 -1.81 2.92
N LEU A 286 -16.29 -0.48 2.96
CA LEU A 286 -16.66 0.20 4.24
C LEU A 286 -18.05 -0.20 4.78
N ALA A 287 -18.92 -0.57 3.88
CA ALA A 287 -20.31 -1.00 4.22
C ALA A 287 -20.42 -2.50 4.49
N HIS A 288 -19.31 -3.24 4.36
CA HIS A 288 -19.37 -4.66 4.56
C HIS A 288 -19.70 -5.01 6.07
N PRO A 289 -20.45 -6.08 6.32
CA PRO A 289 -20.82 -6.42 7.72
C PRO A 289 -19.62 -6.76 8.60
N PHE A 290 -18.45 -7.06 8.01
CA PHE A 290 -17.25 -7.18 8.85
C PHE A 290 -17.03 -5.97 9.75
N PHE A 291 -17.45 -4.77 9.32
CA PHE A 291 -17.20 -3.57 10.11
C PHE A 291 -18.36 -3.18 11.01
N GLN A 292 -19.38 -4.03 11.12
CA GLN A 292 -20.53 -3.71 11.97
C GLN A 292 -20.13 -3.38 13.45
N ASP A 293 -19.16 -4.10 13.99
CA ASP A 293 -18.71 -3.89 15.36
C ASP A 293 -17.37 -3.20 15.49
N VAL A 294 -17.00 -2.39 14.50
CA VAL A 294 -15.65 -1.77 14.50
C VAL A 294 -15.56 -0.74 15.62
N THR A 295 -14.38 -0.66 16.22
CA THR A 295 -14.05 0.25 17.33
C THR A 295 -12.67 0.88 17.03
N LYS A 296 -12.20 1.77 17.88
CA LYS A 296 -10.88 2.36 17.68
C LYS A 296 -10.02 2.14 18.95
N PRO A 297 -9.36 0.98 19.06
CA PRO A 297 -8.50 0.75 20.17
C PRO A 297 -7.21 1.55 20.15
N VAL A 298 -6.58 1.62 21.30
CA VAL A 298 -5.27 2.21 21.53
C VAL A 298 -4.25 1.07 21.45
N PRO A 299 -3.25 1.15 20.58
CA PRO A 299 -2.25 0.08 20.43
C PRO A 299 -1.19 0.09 21.55
N HIS A 300 -0.49 -1.01 21.75
CA HIS A 300 0.55 -1.06 22.76
C HIS A 300 1.85 -0.90 21.99
N LEU A 301 2.22 0.39 21.88
CA LEU A 301 3.38 0.95 21.15
C LEU A 301 2.92 2.26 20.49
C12 AAK B . -9.87 -7.30 -18.57
C11 AAK B . -8.96 -6.65 -19.44
O2 AAK B . -7.41 -2.86 -19.06
O1 AAK B . -9.49 -7.33 -22.99
C7 AAK B . -6.77 -3.73 -19.66
C8 AAK B . -5.48 -3.22 -20.34
C9 AAK B . -4.08 -3.48 -19.69
N1 AAK B . -7.18 -5.03 -19.79
C6 AAK B . -6.60 -5.93 -20.84
C5 AAK B . -7.49 -6.95 -21.46
C10 AAK B . -8.12 -5.58 -18.89
C15 AAK B . -8.23 -5.25 -17.50
C14 AAK B . -9.15 -5.95 -16.68
C13 AAK B . -9.97 -6.94 -17.21
N AAK B . -8.79 -6.92 -20.82
C AAK B . -9.83 -7.18 -21.59
O AAK B . -10.97 -7.31 -21.24
C1 AAK B . -10.40 -7.70 -24.02
C4 AAK B . -11.63 -6.76 -23.89
C3 AAK B . -9.57 -7.60 -25.30
C2 AAK B . -10.86 -9.13 -23.90
#